data_3AON
#
_entry.id   3AON
#
_cell.length_a   105.787
_cell.length_b   68.433
_cell.length_c   51.153
_cell.angle_alpha   90.00
_cell.angle_beta   114.99
_cell.angle_gamma   90.00
#
_symmetry.space_group_name_H-M   'C 1 2 1'
#
loop_
_entity.id
_entity.type
_entity.pdbx_description
1 polymer 'V-type sodium ATPase subunit D'
2 polymer 'V-type sodium ATPase subunit G'
3 non-polymer 'NITRATE ION'
4 water water
#
loop_
_entity_poly.entity_id
_entity_poly.type
_entity_poly.pdbx_seq_one_letter_code
_entity_poly.pdbx_strand_id
1 'polypeptide(L)'
;GSSGSSG(MSE)RLNVNPTR(MSE)ELTRLKKQLTTATRGHKLLKDKQDEL(MSE)RQFILLIRKNNELRQAIEKETQTA
(MSE)KDFVLAKSTVEEAFIDELLALPAENVSISVVEKNI(MSE)SVKVPL(MSE)NFQYDETLNETPLEYGYLHSNAEL
DRSIDGFTQLLPKLLKLAEVEKTCQL(MSE)AEEIEKTRRRVNALEY(MSE)TIPQLEETIYYIK(MSE)KLEENERAEV
TRLIKVKN(MSE)GTEE
;
A
2 'polypeptide(L)'
;(MSE)TYKIGVVGDKDSVSPFRLFGFDVQHGTTKTEIRKTIDE(MSE)AKNEYGVIYITEQCANLVPETIERYKGQLTPA
IILIPSHQGTLGIGLEEIQNSVEKAVGQNILSGPSSGENLYFQ
;
B
#
loop_
_chem_comp.id
_chem_comp.type
_chem_comp.name
_chem_comp.formula
NO3 non-polymer 'NITRATE ION' 'N O3 -1'
#
# COMPACT_ATOMS: atom_id res chain seq x y z
N PRO A 14 -38.47 -31.15 -2.10
CA PRO A 14 -39.85 -31.02 -2.58
C PRO A 14 -40.89 -31.03 -1.46
N THR A 15 -40.46 -30.71 -0.23
CA THR A 15 -41.35 -30.66 0.94
C THR A 15 -41.68 -29.22 1.36
N ARG A 16 -42.59 -29.07 2.33
CA ARG A 16 -42.92 -27.74 2.88
C ARG A 16 -41.77 -27.22 3.75
N MSE A 17 -41.14 -28.15 4.48
CA MSE A 17 -39.98 -27.87 5.30
C MSE A 17 -38.81 -27.31 4.49
O MSE A 17 -38.11 -26.40 4.93
CB MSE A 17 -39.54 -29.16 6.02
CG MSE A 17 -38.94 -29.00 7.39
SE MSE A 17 -39.30 -30.59 8.50
CE MSE A 17 -41.02 -30.06 9.27
N GLU A 18 -38.62 -27.85 3.29
CA GLU A 18 -37.53 -27.43 2.41
C GLU A 18 -37.83 -26.09 1.75
N LEU A 19 -39.08 -25.92 1.31
CA LEU A 19 -39.59 -24.66 0.82
C LEU A 19 -39.34 -23.51 1.81
N THR A 20 -39.70 -23.74 3.07
CA THR A 20 -39.47 -22.80 4.16
C THR A 20 -38.00 -22.38 4.25
N ARG A 21 -37.11 -23.38 4.29
CA ARG A 21 -35.66 -23.13 4.35
C ARG A 21 -35.17 -22.28 3.19
N LEU A 22 -35.62 -22.62 1.98
CA LEU A 22 -35.21 -21.93 0.78
C LEU A 22 -35.74 -20.50 0.72
N LYS A 23 -36.94 -20.28 1.25
CA LYS A 23 -37.52 -18.94 1.30
C LYS A 23 -36.68 -18.01 2.18
N LYS A 24 -36.18 -18.51 3.30
CA LYS A 24 -35.30 -17.71 4.16
C LYS A 24 -34.00 -17.38 3.42
N GLN A 25 -33.48 -18.35 2.68
CA GLN A 25 -32.28 -18.13 1.87
C GLN A 25 -32.49 -17.08 0.77
N LEU A 26 -33.64 -17.11 0.13
CA LEU A 26 -33.97 -16.11 -0.89
C LEU A 26 -34.08 -14.71 -0.32
N THR A 27 -34.78 -14.54 0.82
CA THR A 27 -34.91 -13.19 1.36
C THR A 27 -33.57 -12.70 1.92
N THR A 28 -32.81 -13.59 2.55
CA THR A 28 -31.45 -13.27 2.99
C THR A 28 -30.56 -12.86 1.80
N ALA A 29 -30.65 -13.58 0.69
CA ALA A 29 -29.89 -13.27 -0.53
C ALA A 29 -30.32 -11.96 -1.20
N THR A 30 -31.63 -11.69 -1.24
CA THR A 30 -32.10 -10.48 -1.95
C THR A 30 -31.91 -9.21 -1.13
N ARG A 31 -32.13 -9.31 0.18
CA ARG A 31 -31.82 -8.25 1.12
C ARG A 31 -30.31 -7.99 1.13
N GLY A 32 -29.54 -9.07 1.16
CA GLY A 32 -28.08 -9.01 1.17
C GLY A 32 -27.52 -8.43 -0.12
N HIS A 33 -28.16 -8.74 -1.25
CA HIS A 33 -27.77 -8.15 -2.52
C HIS A 33 -27.92 -6.63 -2.50
N LYS A 34 -29.09 -6.15 -2.08
CA LYS A 34 -29.34 -4.69 -2.02
C LYS A 34 -28.32 -4.00 -1.09
N LEU A 35 -28.07 -4.60 0.06
CA LEU A 35 -27.18 -4.00 1.04
C LEU A 35 -25.71 -4.09 0.66
N LEU A 36 -25.34 -5.15 -0.07
CA LEU A 36 -24.00 -5.28 -0.61
C LEU A 36 -23.70 -4.21 -1.68
N LYS A 37 -24.70 -3.94 -2.52
CA LYS A 37 -24.59 -2.81 -3.45
C LYS A 37 -24.40 -1.48 -2.70
N ASP A 38 -25.16 -1.28 -1.61
CA ASP A 38 -25.00 -0.08 -0.76
C ASP A 38 -23.56 0.00 -0.22
N LYS A 39 -23.04 -1.15 0.18
CA LYS A 39 -21.67 -1.26 0.67
C LYS A 39 -20.67 -0.94 -0.46
N GLN A 40 -20.92 -1.44 -1.66
CA GLN A 40 -20.10 -1.12 -2.84
C GLN A 40 -20.07 0.40 -3.04
N ASP A 41 -21.22 1.05 -2.91
CA ASP A 41 -21.31 2.50 -3.10
C ASP A 41 -20.48 3.25 -2.06
N GLU A 42 -20.52 2.76 -0.81
CA GLU A 42 -19.84 3.43 0.30
C GLU A 42 -18.30 3.30 0.24
N LEU A 43 -17.84 2.09 -0.11
CA LEU A 43 -16.44 1.82 -0.42
C LEU A 43 -15.95 2.77 -1.51
N MSE A 44 -16.70 2.87 -2.60
CA MSE A 44 -16.40 3.81 -3.68
C MSE A 44 -16.29 5.28 -3.24
O MSE A 44 -15.36 5.99 -3.63
CB MSE A 44 -17.42 3.72 -4.80
CG MSE A 44 -16.92 4.36 -6.07
SE MSE A 44 -15.46 3.32 -6.85
CE MSE A 44 -16.38 1.66 -6.99
N ARG A 45 -17.26 5.73 -2.44
CA ARG A 45 -17.24 7.08 -1.91
C ARG A 45 -15.95 7.34 -1.10
N GLN A 46 -15.63 6.40 -0.21
CA GLN A 46 -14.45 6.52 0.64
C GLN A 46 -13.17 6.37 -0.17
N PHE A 47 -13.20 5.48 -1.16
CA PHE A 47 -12.06 5.27 -2.03
C PHE A 47 -11.74 6.53 -2.81
N ILE A 48 -12.76 7.17 -3.36
CA ILE A 48 -12.56 8.37 -4.16
C ILE A 48 -11.90 9.49 -3.34
N LEU A 49 -12.34 9.69 -2.10
CA LEU A 49 -11.73 10.69 -1.22
C LEU A 49 -10.26 10.38 -0.94
N LEU A 50 -9.99 9.13 -0.58
CA LEU A 50 -8.65 8.63 -0.31
C LEU A 50 -7.70 8.74 -1.51
N ILE A 51 -8.23 8.51 -2.71
CA ILE A 51 -7.47 8.65 -3.95
C ILE A 51 -6.99 10.07 -4.20
N ARG A 52 -7.83 11.06 -3.88
CA ARG A 52 -7.41 12.45 -3.97
C ARG A 52 -6.21 12.72 -3.08
N LYS A 53 -6.32 12.30 -1.82
CA LYS A 53 -5.22 12.38 -0.86
C LYS A 53 -3.98 11.61 -1.34
N ASN A 54 -4.18 10.40 -1.86
CA ASN A 54 -3.10 9.61 -2.45
C ASN A 54 -2.37 10.41 -3.53
N ASN A 55 -3.11 10.99 -4.45
CA ASN A 55 -2.51 11.85 -5.47
C ASN A 55 -1.80 13.08 -4.91
N GLU A 56 -2.45 13.81 -4.00
CA GLU A 56 -1.86 14.96 -3.32
C GLU A 56 -0.50 14.62 -2.65
N LEU A 57 -0.51 13.59 -1.80
CA LEU A 57 0.68 13.11 -1.10
C LEU A 57 1.79 12.66 -2.06
N ARG A 58 1.42 11.97 -3.14
CA ARG A 58 2.43 11.44 -4.05
C ARG A 58 3.10 12.58 -4.83
N GLN A 59 2.32 13.56 -5.26
CA GLN A 59 2.92 14.71 -5.95
C GLN A 59 3.87 15.47 -5.03
N ALA A 60 3.47 15.67 -3.77
CA ALA A 60 4.29 16.38 -2.79
C ALA A 60 5.60 15.63 -2.54
N ILE A 61 5.48 14.32 -2.29
CA ILE A 61 6.62 13.45 -2.05
C ILE A 61 7.59 13.35 -3.22
N GLU A 62 7.09 13.12 -4.42
CA GLU A 62 7.98 13.02 -5.56
C GLU A 62 8.81 14.31 -5.66
N LYS A 63 8.20 15.44 -5.37
CA LYS A 63 8.87 16.74 -5.47
C LYS A 63 9.92 16.99 -4.37
N GLU A 64 9.54 16.76 -3.12
CA GLU A 64 10.44 16.99 -2.00
C GLU A 64 11.51 15.90 -1.92
N THR A 65 11.14 14.64 -2.16
CA THR A 65 12.14 13.58 -2.18
C THR A 65 13.24 13.85 -3.21
N GLN A 66 12.87 14.16 -4.45
CA GLN A 66 13.86 14.39 -5.47
C GLN A 66 14.77 15.57 -5.11
N THR A 67 14.20 16.65 -4.57
CA THR A 67 14.98 17.82 -4.14
C THR A 67 16.02 17.43 -3.08
N ALA A 68 15.55 16.71 -2.06
CA ALA A 68 16.41 16.23 -0.99
C ALA A 68 17.59 15.40 -1.51
N MSE A 69 17.31 14.53 -2.49
CA MSE A 69 18.31 13.65 -3.05
C MSE A 69 19.34 14.44 -3.84
O MSE A 69 20.54 14.16 -3.75
CB MSE A 69 17.65 12.59 -3.95
CG MSE A 69 16.95 11.48 -3.18
SE MSE A 69 15.75 10.45 -4.34
CE MSE A 69 15.49 8.92 -3.19
N LYS A 70 18.87 15.43 -4.58
CA LYS A 70 19.74 16.27 -5.38
C LYS A 70 20.70 17.03 -4.49
N ASP A 71 20.16 17.63 -3.43
CA ASP A 71 20.93 18.37 -2.45
C ASP A 71 22.02 17.50 -1.84
N PHE A 72 21.66 16.27 -1.46
CA PHE A 72 22.64 15.34 -0.93
C PHE A 72 23.75 15.03 -1.94
N VAL A 73 23.37 14.73 -3.18
CA VAL A 73 24.35 14.42 -4.23
C VAL A 73 25.34 15.58 -4.42
N LEU A 74 24.81 16.80 -4.51
CA LEU A 74 25.64 18.01 -4.64
C LEU A 74 26.58 18.17 -3.44
N ALA A 75 26.01 18.01 -2.25
CA ALA A 75 26.74 18.13 -0.97
C ALA A 75 27.89 17.13 -0.87
N LYS A 76 27.60 15.86 -1.18
CA LYS A 76 28.61 14.82 -1.06
C LYS A 76 29.68 14.86 -2.16
N SER A 77 29.43 15.60 -3.24
CA SER A 77 30.29 15.58 -4.43
C SER A 77 31.72 16.09 -4.14
N THR A 78 31.82 16.96 -3.15
CA THR A 78 33.06 17.66 -2.82
C THR A 78 33.90 16.91 -1.79
N VAL A 79 33.23 16.20 -0.88
CA VAL A 79 33.89 15.50 0.21
C VAL A 79 34.29 14.08 -0.22
N GLU A 80 35.34 13.54 0.42
CA GLU A 80 35.86 12.22 0.07
C GLU A 80 34.86 11.10 0.36
N GLU A 81 34.89 10.07 -0.48
CA GLU A 81 34.00 8.94 -0.36
C GLU A 81 34.09 8.25 1.00
N ALA A 82 35.32 8.03 1.47
CA ALA A 82 35.61 7.37 2.75
C ALA A 82 35.02 8.12 3.93
N PHE A 83 34.99 9.45 3.83
CA PHE A 83 34.32 10.28 4.82
C PHE A 83 32.81 10.03 4.82
N ILE A 84 32.18 10.08 3.64
CA ILE A 84 30.74 9.83 3.53
C ILE A 84 30.37 8.47 4.08
N ASP A 85 31.16 7.45 3.74
CA ASP A 85 30.91 6.09 4.22
C ASP A 85 30.88 6.01 5.75
N GLU A 86 31.77 6.76 6.39
CA GLU A 86 31.86 6.79 7.85
C GLU A 86 30.72 7.56 8.51
N LEU A 87 30.31 8.64 7.87
CA LEU A 87 29.17 9.43 8.30
C LEU A 87 27.87 8.59 8.26
N LEU A 88 27.68 7.86 7.17
CA LEU A 88 26.44 7.07 6.98
C LEU A 88 26.35 5.88 7.92
N ALA A 89 27.50 5.42 8.41
CA ALA A 89 27.58 4.25 9.30
C ALA A 89 27.30 4.63 10.77
N LEU A 90 27.18 5.92 11.05
CA LEU A 90 26.75 6.39 12.38
C LEU A 90 25.27 6.79 12.37
N PRO A 91 24.40 5.94 12.98
CA PRO A 91 22.96 6.17 12.88
C PRO A 91 22.52 7.47 13.55
N ALA A 92 21.56 8.14 12.94
CA ALA A 92 20.92 9.33 13.49
C ALA A 92 19.66 8.92 14.24
N GLU A 93 19.02 7.85 13.76
CA GLU A 93 17.83 7.28 14.37
C GLU A 93 17.72 5.79 14.05
N ASN A 94 16.84 5.11 14.75
CA ASN A 94 16.52 3.72 14.48
C ASN A 94 15.02 3.57 14.34
N VAL A 95 14.51 4.02 13.20
CA VAL A 95 13.08 4.04 12.94
C VAL A 95 12.55 2.64 12.57
N SER A 96 11.47 2.24 13.24
CA SER A 96 10.67 1.10 12.83
C SER A 96 9.24 1.59 12.66
N ILE A 97 8.37 0.76 12.12
CA ILE A 97 6.98 1.17 11.92
C ILE A 97 6.03 0.24 12.67
N SER A 98 5.07 0.81 13.40
CA SER A 98 3.95 0.05 13.92
C SER A 98 2.89 -0.06 12.83
N VAL A 99 2.43 -1.28 12.57
CA VAL A 99 1.27 -1.46 11.68
C VAL A 99 0.08 -2.18 12.34
N VAL A 100 -1.00 -1.42 12.48
CA VAL A 100 -2.20 -1.95 13.09
C VAL A 100 -3.27 -2.15 12.01
N GLU A 101 -4.05 -3.22 12.14
CA GLU A 101 -5.15 -3.51 11.22
C GLU A 101 -6.40 -2.73 11.61
N LYS A 102 -6.94 -2.02 10.63
CA LYS A 102 -8.19 -1.29 10.77
C LYS A 102 -9.19 -1.89 9.76
N ASN A 103 -10.45 -2.05 10.16
CA ASN A 103 -11.49 -2.52 9.24
C ASN A 103 -12.15 -1.35 8.52
N ILE A 104 -12.27 -1.44 7.20
CA ILE A 104 -13.22 -0.60 6.47
C ILE A 104 -14.19 -1.60 5.89
N MSE A 105 -15.25 -1.86 6.65
CA MSE A 105 -16.21 -2.89 6.34
C MSE A 105 -15.47 -4.23 6.20
O MSE A 105 -14.75 -4.62 7.13
CB MSE A 105 -17.06 -2.48 5.13
CG MSE A 105 -18.08 -1.35 5.46
SE MSE A 105 -18.78 -0.24 3.99
CE MSE A 105 -17.24 0.93 3.72
N SER A 106 -15.57 -4.89 5.06
CA SER A 106 -14.95 -6.22 4.92
C SER A 106 -13.46 -6.24 4.51
N VAL A 107 -12.84 -5.07 4.38
CA VAL A 107 -11.40 -5.05 4.05
C VAL A 107 -10.53 -4.55 5.20
N LYS A 108 -9.46 -5.29 5.46
CA LYS A 108 -8.42 -4.88 6.41
C LYS A 108 -7.39 -3.97 5.74
N VAL A 109 -7.14 -2.82 6.37
CA VAL A 109 -6.16 -1.84 5.87
C VAL A 109 -5.23 -1.46 7.01
N PRO A 110 -4.02 -0.93 6.68
CA PRO A 110 -3.04 -0.64 7.72
C PRO A 110 -3.11 0.78 8.25
N LEU A 111 -2.86 0.92 9.54
CA LEU A 111 -2.60 2.21 10.12
C LEU A 111 -1.14 2.18 10.52
N MSE A 112 -0.37 3.13 10.01
CA MSE A 112 1.08 3.12 10.15
C MSE A 112 1.60 4.30 10.97
O MSE A 112 1.15 5.43 10.79
CB MSE A 112 1.74 3.08 8.78
CG MSE A 112 1.22 1.98 7.87
SE MSE A 112 2.33 1.87 6.28
CE MSE A 112 1.59 0.24 5.54
N ASN A 113 2.54 4.02 11.87
CA ASN A 113 3.14 5.04 12.71
C ASN A 113 4.61 4.72 12.96
N PHE A 114 5.47 5.73 12.86
CA PHE A 114 6.89 5.56 13.17
C PHE A 114 7.07 5.32 14.65
N GLN A 115 7.92 4.33 14.96
CA GLN A 115 8.40 4.10 16.31
C GLN A 115 9.89 4.49 16.37
N TYR A 116 10.18 5.42 17.25
CA TYR A 116 11.54 5.93 17.41
C TYR A 116 12.18 5.33 18.66
N ASP A 117 13.49 5.51 18.81
CA ASP A 117 14.19 5.00 19.98
C ASP A 117 13.80 5.79 21.24
N GLU A 118 13.03 5.13 22.11
CA GLU A 118 12.40 5.79 23.25
C GLU A 118 13.32 6.08 24.41
N THR A 119 14.45 5.38 24.47
CA THR A 119 15.45 5.66 25.50
C THR A 119 16.13 6.99 25.23
N LEU A 120 16.00 7.50 24.01
CA LEU A 120 16.61 8.76 23.61
C LEU A 120 15.62 9.94 23.61
N ASN A 121 14.49 9.78 24.29
CA ASN A 121 13.48 10.85 24.45
C ASN A 121 14.03 12.20 24.93
N GLU A 122 14.82 12.16 26.00
CA GLU A 122 15.33 13.36 26.66
C GLU A 122 16.33 14.14 25.79
N THR A 123 16.93 13.44 24.82
CA THR A 123 17.85 14.05 23.85
C THR A 123 17.34 13.85 22.42
N PRO A 124 16.36 14.68 21.97
CA PRO A 124 15.82 14.50 20.62
C PRO A 124 16.83 14.84 19.52
N LEU A 125 16.62 14.27 18.33
CA LEU A 125 17.47 14.47 17.16
C LEU A 125 17.78 15.95 16.89
N GLU A 126 19.05 16.26 16.65
CA GLU A 126 19.47 17.56 16.15
C GLU A 126 20.81 17.41 15.40
N TYR A 127 20.73 17.27 14.08
CA TYR A 127 21.85 16.76 13.29
C TYR A 127 23.02 17.71 13.05
N GLY A 128 24.18 17.22 13.48
CA GLY A 128 25.46 17.88 13.25
C GLY A 128 26.52 16.81 13.31
N TYR A 129 27.23 16.63 12.20
CA TYR A 129 28.29 15.64 12.16
C TYR A 129 29.63 16.31 12.43
N LEU A 130 30.59 15.55 12.96
CA LEU A 130 31.92 16.07 13.28
C LEU A 130 32.81 16.25 12.04
N HIS A 131 33.38 17.45 11.90
CA HIS A 131 34.21 17.84 10.75
C HIS A 131 33.44 17.82 9.41
N SER A 132 32.12 17.94 9.52
CA SER A 132 31.23 18.06 8.37
C SER A 132 31.13 19.54 8.01
N ASN A 133 30.15 19.89 7.18
CA ASN A 133 29.89 21.28 6.83
C ASN A 133 28.40 21.59 6.85
N ALA A 134 28.06 22.87 6.71
CA ALA A 134 26.68 23.33 6.74
C ALA A 134 25.82 22.63 5.69
N GLU A 135 26.32 22.63 4.46
CA GLU A 135 25.58 22.08 3.31
C GLU A 135 25.26 20.60 3.51
N LEU A 136 26.26 19.83 3.92
CA LEU A 136 26.10 18.38 4.12
C LEU A 136 25.09 18.04 5.21
N ASP A 137 25.21 18.69 6.36
CA ASP A 137 24.27 18.54 7.48
C ASP A 137 22.84 18.92 7.06
N ARG A 138 22.74 20.02 6.32
CA ARG A 138 21.46 20.52 5.85
C ARG A 138 20.77 19.52 4.93
N SER A 139 21.56 18.85 4.08
CA SER A 139 21.02 17.81 3.22
C SER A 139 20.47 16.61 4.03
N ILE A 140 21.16 16.25 5.11
CA ILE A 140 20.61 15.25 6.05
C ILE A 140 19.28 15.73 6.67
N ASP A 141 19.22 17.00 7.12
CA ASP A 141 17.97 17.57 7.61
C ASP A 141 16.84 17.47 6.57
N GLY A 142 17.17 17.53 5.29
CA GLY A 142 16.19 17.36 4.22
C GLY A 142 15.49 16.01 4.32
N PHE A 143 16.28 14.96 4.50
CA PHE A 143 15.71 13.61 4.64
C PHE A 143 14.88 13.47 5.92
N THR A 144 15.40 13.97 7.04
CA THR A 144 14.68 13.91 8.32
C THR A 144 13.27 14.50 8.16
N GLN A 145 13.18 15.61 7.43
CA GLN A 145 11.92 16.30 7.19
C GLN A 145 10.93 15.53 6.33
N LEU A 146 11.40 14.76 5.36
CA LEU A 146 10.48 14.00 4.50
C LEU A 146 9.85 12.76 5.17
N LEU A 147 10.46 12.30 6.26
CA LEU A 147 10.08 11.03 6.87
C LEU A 147 8.59 10.85 7.19
N PRO A 148 7.96 11.83 7.88
CA PRO A 148 6.52 11.65 8.19
C PRO A 148 5.64 11.60 6.95
N LYS A 149 5.97 12.38 5.92
CA LYS A 149 5.16 12.38 4.69
C LYS A 149 5.36 11.10 3.88
N LEU A 150 6.57 10.54 3.94
CA LEU A 150 6.82 9.22 3.32
C LEU A 150 6.01 8.09 3.97
N LEU A 151 5.88 8.14 5.30
CA LEU A 151 5.05 7.15 5.98
C LEU A 151 3.57 7.36 5.63
N LYS A 152 3.13 8.62 5.66
CA LYS A 152 1.80 9.01 5.24
C LYS A 152 1.43 8.48 3.86
N LEU A 153 2.33 8.67 2.90
CA LEU A 153 2.09 8.18 1.54
C LEU A 153 1.97 6.66 1.52
N ALA A 154 2.83 5.99 2.28
CA ALA A 154 2.81 4.52 2.36
C ALA A 154 1.44 4.04 2.81
N GLU A 155 0.95 4.58 3.93
CA GLU A 155 -0.33 4.20 4.49
C GLU A 155 -1.50 4.52 3.55
N VAL A 156 -1.50 5.73 2.97
CA VAL A 156 -2.62 6.13 2.09
C VAL A 156 -2.62 5.31 0.80
N GLU A 157 -1.45 5.10 0.19
CA GLU A 157 -1.36 4.37 -1.08
C GLU A 157 -1.73 2.91 -0.95
N LYS A 158 -1.22 2.28 0.10
CA LYS A 158 -1.55 0.88 0.37
C LYS A 158 -3.06 0.70 0.61
N THR A 159 -3.64 1.61 1.40
CA THR A 159 -5.10 1.57 1.67
C THR A 159 -5.90 1.67 0.38
N CYS A 160 -5.55 2.62 -0.49
CA CYS A 160 -6.21 2.73 -1.79
C CYS A 160 -6.06 1.47 -2.64
N GLN A 161 -4.86 0.87 -2.64
CA GLN A 161 -4.62 -0.38 -3.36
C GLN A 161 -5.51 -1.51 -2.82
N LEU A 162 -5.59 -1.61 -1.49
CA LEU A 162 -6.42 -2.64 -0.88
C LEU A 162 -7.91 -2.39 -1.08
N MSE A 163 -8.32 -1.13 -1.04
CA MSE A 163 -9.73 -0.78 -1.29
C MSE A 163 -10.17 -1.08 -2.72
O MSE A 163 -11.26 -1.63 -2.93
CB MSE A 163 -10.00 0.69 -0.96
CG MSE A 163 -9.87 1.00 0.52
SE MSE A 163 -10.52 2.77 0.93
CE MSE A 163 -12.43 2.49 0.64
N ALA A 164 -9.32 -0.74 -3.70
CA ALA A 164 -9.60 -1.05 -5.11
C ALA A 164 -9.88 -2.53 -5.31
N GLU A 165 -9.05 -3.36 -4.70
CA GLU A 165 -9.18 -4.83 -4.73
C GLU A 165 -10.48 -5.32 -4.10
N GLU A 166 -10.83 -4.72 -2.96
CA GLU A 166 -12.07 -5.07 -2.28
C GLU A 166 -13.33 -4.66 -3.05
N ILE A 167 -13.30 -3.49 -3.67
CA ILE A 167 -14.41 -3.05 -4.52
C ILE A 167 -14.60 -3.97 -5.72
N GLU A 168 -13.50 -4.34 -6.37
CA GLU A 168 -13.58 -5.35 -7.44
C GLU A 168 -14.21 -6.65 -6.92
N LYS A 169 -13.74 -7.14 -5.76
CA LYS A 169 -14.34 -8.34 -5.18
C LYS A 169 -15.81 -8.15 -4.89
N THR A 170 -16.17 -7.01 -4.31
CA THR A 170 -17.54 -6.73 -3.99
C THR A 170 -18.41 -6.66 -5.24
N ARG A 171 -17.94 -5.95 -6.26
CA ARG A 171 -18.66 -5.91 -7.53
C ARG A 171 -18.92 -7.31 -8.11
N ARG A 172 -17.91 -8.19 -8.07
CA ARG A 172 -18.09 -9.55 -8.55
C ARG A 172 -19.23 -10.25 -7.80
N ARG A 173 -19.28 -10.08 -6.48
CA ARG A 173 -20.27 -10.78 -5.66
C ARG A 173 -21.67 -10.22 -5.91
N VAL A 174 -21.77 -8.90 -6.06
CA VAL A 174 -23.07 -8.26 -6.35
C VAL A 174 -23.66 -8.83 -7.63
N ASN A 175 -22.86 -8.91 -8.68
CA ASN A 175 -23.30 -9.49 -9.94
C ASN A 175 -23.67 -10.98 -9.85
N ALA A 176 -22.83 -11.75 -9.13
CA ALA A 176 -23.08 -13.18 -8.95
C ALA A 176 -24.38 -13.45 -8.20
N LEU A 177 -24.60 -12.69 -7.13
CA LEU A 177 -25.86 -12.74 -6.38
C LEU A 177 -27.05 -12.45 -7.26
N GLU A 178 -26.96 -11.34 -7.98
CA GLU A 178 -28.03 -10.81 -8.78
C GLU A 178 -28.41 -11.75 -9.93
N TYR A 179 -27.42 -12.35 -10.58
CA TYR A 179 -27.69 -13.03 -11.84
C TYR A 179 -27.59 -14.54 -11.77
N MSE A 180 -27.05 -15.05 -10.67
CA MSE A 180 -26.89 -16.49 -10.51
C MSE A 180 -27.60 -17.00 -9.27
O MSE A 180 -28.55 -17.77 -9.39
CB MSE A 180 -25.40 -16.89 -10.51
CG MSE A 180 -24.66 -16.57 -11.82
SE MSE A 180 -25.25 -17.58 -13.42
CE MSE A 180 -24.50 -19.34 -13.01
N THR A 181 -27.19 -16.53 -8.09
CA THR A 181 -27.70 -17.05 -6.82
C THR A 181 -29.19 -16.86 -6.65
N ILE A 182 -29.66 -15.63 -6.87
CA ILE A 182 -31.06 -15.28 -6.67
C ILE A 182 -32.02 -15.96 -7.67
N PRO A 183 -31.71 -15.94 -8.99
CA PRO A 183 -32.57 -16.65 -9.94
C PRO A 183 -32.58 -18.16 -9.71
N GLN A 184 -31.44 -18.75 -9.30
CA GLN A 184 -31.40 -20.18 -8.99
C GLN A 184 -32.29 -20.52 -7.80
N LEU A 185 -32.19 -19.74 -6.73
CA LEU A 185 -33.06 -19.89 -5.57
C LEU A 185 -34.56 -19.77 -5.94
N GLU A 186 -34.90 -18.74 -6.71
CA GLU A 186 -36.27 -18.48 -7.18
C GLU A 186 -36.84 -19.65 -7.99
N GLU A 187 -36.03 -20.13 -8.95
CA GLU A 187 -36.39 -21.27 -9.76
C GLU A 187 -36.70 -22.51 -8.91
N THR A 188 -35.85 -22.78 -7.93
CA THR A 188 -36.02 -23.95 -7.08
C THR A 188 -37.29 -23.80 -6.25
N ILE A 189 -37.50 -22.60 -5.72
CA ILE A 189 -38.72 -22.31 -4.97
C ILE A 189 -39.98 -22.55 -5.80
N TYR A 190 -39.95 -22.20 -7.09
CA TYR A 190 -41.07 -22.50 -7.98
C TYR A 190 -41.28 -23.99 -8.18
N TYR A 191 -40.19 -24.73 -8.42
CA TYR A 191 -40.28 -26.19 -8.58
C TYR A 191 -40.92 -26.84 -7.36
N ILE A 192 -40.45 -26.47 -6.16
CA ILE A 192 -40.98 -27.00 -4.91
C ILE A 192 -42.46 -26.69 -4.79
N LYS A 193 -42.81 -25.47 -5.16
CA LYS A 193 -44.17 -24.95 -5.07
C LYS A 193 -45.15 -25.70 -5.99
N MSE A 194 -44.83 -25.76 -7.30
CA MSE A 194 -45.74 -26.42 -8.23
CA MSE A 194 -45.68 -26.46 -8.29
C MSE A 194 -45.98 -27.89 -7.85
O MSE A 194 -47.09 -28.40 -8.02
CB MSE A 194 -45.27 -26.25 -9.68
CB MSE A 194 -45.02 -26.47 -9.69
CG MSE A 194 -45.23 -24.79 -10.21
CG MSE A 194 -43.89 -27.51 -9.92
SE MSE A 194 -46.95 -23.86 -10.44
SE MSE A 194 -43.68 -28.18 -11.77
CE MSE A 194 -47.99 -25.32 -11.21
CE MSE A 194 -43.10 -26.51 -12.60
N LYS A 195 -44.95 -28.54 -7.29
CA LYS A 195 -45.04 -29.94 -6.85
C LYS A 195 -45.95 -30.15 -5.66
N LEU A 196 -45.88 -29.24 -4.68
CA LEU A 196 -46.75 -29.28 -3.51
C LEU A 196 -48.21 -29.00 -3.90
N GLU A 197 -48.38 -28.07 -4.82
CA GLU A 197 -49.71 -27.63 -5.26
C GLU A 197 -50.40 -28.62 -6.20
N GLU A 198 -49.65 -29.50 -6.84
CA GLU A 198 -50.27 -30.57 -7.62
C GLU A 198 -50.84 -31.67 -6.71
N ASN A 199 -50.18 -31.89 -5.57
CA ASN A 199 -50.58 -32.93 -4.60
C ASN A 199 -51.96 -32.74 -3.99
N GLU A 200 -52.17 -31.58 -3.37
CA GLU A 200 -53.43 -31.28 -2.69
C GLU A 200 -54.63 -31.17 -3.65
N ARG A 201 -54.37 -30.74 -4.88
CA ARG A 201 -55.41 -30.55 -5.90
C ARG A 201 -56.19 -31.83 -6.22
N MSE B 1 2.02 -3.30 16.36
CA MSE B 1 2.83 -4.36 15.68
C MSE B 1 4.04 -3.75 14.99
O MSE B 1 3.86 -2.84 14.17
CB MSE B 1 1.96 -5.13 14.68
CG MSE B 1 1.60 -6.53 15.13
SE MSE B 1 3.04 -7.78 14.69
CE MSE B 1 2.88 -8.94 16.26
N THR B 2 5.24 -4.26 15.28
CA THR B 2 6.51 -3.59 14.89
C THR B 2 7.25 -4.19 13.68
N TYR B 3 7.51 -3.35 12.67
CA TYR B 3 8.02 -3.79 11.37
C TYR B 3 9.23 -2.97 10.89
N LYS B 4 10.10 -3.61 10.12
CA LYS B 4 11.23 -2.94 9.47
C LYS B 4 10.85 -2.18 8.19
N ILE B 5 11.65 -1.19 7.86
CA ILE B 5 11.57 -0.44 6.60
C ILE B 5 12.74 -0.78 5.67
N GLY B 6 12.41 -1.15 4.45
CA GLY B 6 13.41 -1.42 3.44
C GLY B 6 13.41 -0.29 2.40
N VAL B 7 14.53 -0.16 1.71
CA VAL B 7 14.65 0.78 0.60
C VAL B 7 15.50 0.12 -0.46
N VAL B 8 15.02 0.13 -1.70
CA VAL B 8 15.79 -0.38 -2.84
C VAL B 8 16.00 0.75 -3.87
N GLY B 9 17.25 1.09 -4.16
CA GLY B 9 17.52 2.17 -5.10
C GLY B 9 18.98 2.36 -5.29
N ASP B 10 19.34 3.29 -6.18
CA ASP B 10 20.74 3.60 -6.44
C ASP B 10 21.37 4.29 -5.23
N LYS B 11 22.62 3.92 -4.96
CA LYS B 11 23.39 4.36 -3.82
C LYS B 11 23.34 5.87 -3.61
N ASP B 12 23.59 6.63 -4.69
CA ASP B 12 23.58 8.09 -4.65
C ASP B 12 22.28 8.63 -4.05
N SER B 13 21.14 8.10 -4.50
CA SER B 13 19.84 8.58 -4.07
C SER B 13 19.36 8.06 -2.71
N VAL B 14 19.63 6.81 -2.40
CA VAL B 14 18.98 6.22 -1.23
C VAL B 14 19.88 6.04 0.01
N SER B 15 21.19 6.23 -0.14
CA SER B 15 22.13 6.10 0.98
C SER B 15 21.76 6.84 2.28
N PRO B 16 21.23 8.09 2.19
CA PRO B 16 20.89 8.79 3.45
C PRO B 16 19.87 8.10 4.36
N PHE B 17 19.00 7.26 3.79
CA PHE B 17 18.05 6.44 4.57
C PHE B 17 18.72 5.47 5.57
N ARG B 18 19.98 5.11 5.32
CA ARG B 18 20.78 4.32 6.28
C ARG B 18 20.90 4.99 7.65
N LEU B 19 20.88 6.32 7.67
CA LEU B 19 20.97 7.10 8.92
C LEU B 19 19.76 6.89 9.83
N PHE B 20 18.68 6.36 9.29
CA PHE B 20 17.42 6.23 10.02
C PHE B 20 17.09 4.79 10.39
N GLY B 21 18.02 3.89 10.09
CA GLY B 21 17.82 2.48 10.39
C GLY B 21 16.98 1.76 9.35
N PHE B 22 16.76 2.39 8.19
CA PHE B 22 16.13 1.73 7.05
C PHE B 22 17.16 0.76 6.44
N ASP B 23 16.67 -0.40 6.00
CA ASP B 23 17.51 -1.44 5.35
C ASP B 23 17.62 -1.08 3.88
N VAL B 24 18.77 -0.56 3.49
CA VAL B 24 18.95 0.01 2.17
C VAL B 24 19.74 -0.96 1.28
N GLN B 25 19.13 -1.41 0.19
CA GLN B 25 19.78 -2.27 -0.80
C GLN B 25 19.88 -1.58 -2.18
N HIS B 26 20.74 -2.08 -3.08
CA HIS B 26 20.93 -1.46 -4.43
C HIS B 26 21.05 -2.40 -5.64
N GLY B 27 19.99 -3.13 -6.00
CA GLY B 27 20.08 -3.98 -7.20
C GLY B 27 19.99 -3.21 -8.51
N THR B 28 20.51 -3.79 -9.58
CA THR B 28 20.40 -3.19 -10.91
C THR B 28 19.60 -4.02 -11.90
N THR B 29 19.48 -5.32 -11.62
CA THR B 29 18.79 -6.25 -12.53
C THR B 29 17.44 -6.67 -11.98
N LYS B 30 16.57 -7.17 -12.87
CA LYS B 30 15.27 -7.74 -12.49
C LYS B 30 15.41 -8.80 -11.39
N THR B 31 16.32 -9.76 -11.60
CA THR B 31 16.55 -10.86 -10.68
C THR B 31 17.02 -10.42 -9.28
N GLU B 32 18.00 -9.53 -9.27
CA GLU B 32 18.57 -8.99 -8.04
C GLU B 32 17.47 -8.32 -7.21
N ILE B 33 16.74 -7.41 -7.87
CA ILE B 33 15.70 -6.59 -7.25
C ILE B 33 14.55 -7.46 -6.75
N ARG B 34 14.07 -8.39 -7.60
CA ARG B 34 13.01 -9.33 -7.22
C ARG B 34 13.38 -10.12 -5.97
N LYS B 35 14.61 -10.63 -5.93
CA LYS B 35 15.09 -11.40 -4.78
C LYS B 35 15.16 -10.56 -3.49
N THR B 36 15.63 -9.33 -3.62
CA THR B 36 15.65 -8.37 -2.51
C THR B 36 14.24 -8.16 -1.95
N ILE B 37 13.27 -7.89 -2.84
CA ILE B 37 11.88 -7.65 -2.41
C ILE B 37 11.26 -8.88 -1.71
N ASP B 38 11.41 -10.06 -2.30
CA ASP B 38 10.91 -11.30 -1.68
C ASP B 38 11.54 -11.59 -0.31
N GLU B 39 12.82 -11.27 -0.14
CA GLU B 39 13.54 -11.47 1.14
C GLU B 39 13.02 -10.52 2.24
N MSE B 40 12.81 -9.27 1.87
CA MSE B 40 12.16 -8.30 2.76
C MSE B 40 10.76 -8.75 3.17
O MSE B 40 10.40 -8.69 4.35
CB MSE B 40 12.13 -6.90 2.11
CG MSE B 40 13.52 -6.30 1.94
SE MSE B 40 13.53 -4.59 1.06
CE MSE B 40 15.43 -4.13 1.38
N ALA B 41 9.96 -9.19 2.20
CA ALA B 41 8.60 -9.63 2.48
C ALA B 41 8.57 -10.92 3.31
N LYS B 42 9.59 -11.77 3.16
CA LYS B 42 9.77 -12.95 4.02
C LYS B 42 10.18 -12.59 5.45
N ASN B 43 10.86 -11.44 5.59
CA ASN B 43 11.28 -10.94 6.89
C ASN B 43 10.34 -9.92 7.50
N GLU B 44 9.10 -9.90 7.03
CA GLU B 44 8.01 -9.10 7.59
C GLU B 44 8.28 -7.59 7.59
N TYR B 45 8.83 -7.09 6.49
CA TYR B 45 9.01 -5.64 6.34
C TYR B 45 7.62 -5.02 6.16
N GLY B 46 7.37 -3.89 6.80
CA GLY B 46 6.08 -3.21 6.67
C GLY B 46 6.00 -2.39 5.39
N VAL B 47 7.09 -1.71 5.04
CA VAL B 47 7.14 -0.89 3.85
C VAL B 47 8.47 -1.12 3.12
N ILE B 48 8.41 -1.07 1.80
CA ILE B 48 9.59 -1.03 0.92
C ILE B 48 9.48 0.18 -0.02
N TYR B 49 10.38 1.15 0.18
CA TYR B 49 10.48 2.26 -0.76
C TYR B 49 11.38 1.78 -1.87
N ILE B 50 11.01 2.08 -3.12
CA ILE B 50 11.80 1.61 -4.28
C ILE B 50 11.83 2.69 -5.33
N THR B 51 13.03 3.09 -5.78
CA THR B 51 13.13 4.09 -6.83
C THR B 51 12.43 3.59 -8.12
N GLU B 52 11.92 4.53 -8.91
CA GLU B 52 11.14 4.13 -10.09
C GLU B 52 11.95 3.35 -11.13
N GLN B 53 13.21 3.72 -11.28
CA GLN B 53 14.14 3.02 -12.17
C GLN B 53 14.30 1.55 -11.77
N CYS B 54 14.32 1.26 -10.46
CA CYS B 54 14.39 -0.12 -9.99
C CYS B 54 13.07 -0.84 -10.16
N ALA B 55 11.99 -0.18 -9.72
CA ALA B 55 10.61 -0.65 -9.82
C ALA B 55 10.21 -0.95 -11.27
N ASN B 56 10.73 -0.17 -12.20
CA ASN B 56 10.47 -0.36 -13.63
C ASN B 56 10.82 -1.76 -14.13
N LEU B 57 11.77 -2.40 -13.45
CA LEU B 57 12.26 -3.74 -13.83
C LEU B 57 11.48 -4.92 -13.23
N VAL B 58 10.62 -4.66 -12.26
CA VAL B 58 9.93 -5.75 -11.54
C VAL B 58 8.41 -5.54 -11.37
N PRO B 59 7.68 -5.14 -12.44
CA PRO B 59 6.24 -4.93 -12.25
C PRO B 59 5.50 -6.17 -11.74
N GLU B 60 5.89 -7.35 -12.22
CA GLU B 60 5.20 -8.58 -11.84
C GLU B 60 5.35 -8.87 -10.35
N THR B 61 6.54 -8.65 -9.82
CA THR B 61 6.79 -8.85 -8.39
C THR B 61 5.97 -7.85 -7.58
N ILE B 62 5.94 -6.60 -8.03
CA ILE B 62 5.22 -5.54 -7.32
C ILE B 62 3.71 -5.81 -7.30
N GLU B 63 3.18 -6.31 -8.41
CA GLU B 63 1.76 -6.62 -8.48
C GLU B 63 1.36 -7.79 -7.55
N ARG B 64 2.24 -8.77 -7.38
CA ARG B 64 2.00 -9.89 -6.43
C ARG B 64 1.69 -9.45 -4.99
N TYR B 65 2.40 -8.43 -4.51
CA TYR B 65 2.26 -7.95 -3.14
C TYR B 65 1.16 -6.89 -2.94
N LYS B 66 0.61 -6.39 -4.05
CA LYS B 66 -0.31 -5.24 -4.03
C LYS B 66 -1.57 -5.52 -3.18
N GLY B 67 -2.05 -6.76 -3.29
CA GLY B 67 -3.20 -7.22 -2.51
C GLY B 67 -2.90 -7.67 -1.09
N GLN B 68 -1.63 -7.58 -0.67
CA GLN B 68 -1.26 -7.99 0.69
C GLN B 68 -1.13 -6.75 1.59
N LEU B 69 -1.51 -6.90 2.85
CA LEU B 69 -1.42 -5.80 3.82
C LEU B 69 -0.01 -5.26 3.89
N THR B 70 0.95 -6.15 4.04
CA THR B 70 2.35 -5.79 4.01
C THR B 70 3.05 -6.81 3.10
N PRO B 71 4.16 -6.40 2.44
CA PRO B 71 4.73 -5.08 2.58
C PRO B 71 4.04 -4.09 1.65
N ALA B 72 4.02 -2.82 2.04
CA ALA B 72 3.53 -1.76 1.15
C ALA B 72 4.70 -1.39 0.29
N ILE B 73 4.57 -1.57 -1.02
CA ILE B 73 5.70 -1.26 -1.92
C ILE B 73 5.47 0.11 -2.54
N ILE B 74 6.28 1.08 -2.11
CA ILE B 74 6.06 2.50 -2.44
C ILE B 74 7.15 3.02 -3.35
N LEU B 75 6.77 3.45 -4.57
CA LEU B 75 7.74 3.98 -5.49
C LEU B 75 8.09 5.41 -5.18
N ILE B 76 9.38 5.72 -5.33
CA ILE B 76 9.91 7.05 -5.07
C ILE B 76 10.80 7.46 -6.23
N PRO B 77 11.08 8.76 -6.36
CA PRO B 77 12.03 9.13 -7.40
C PRO B 77 13.47 8.75 -7.03
N SER B 78 14.36 8.86 -8.01
CA SER B 78 15.79 8.89 -7.76
C SER B 78 16.15 10.39 -7.83
N HIS B 79 17.43 10.75 -7.65
CA HIS B 79 17.83 12.17 -7.80
C HIS B 79 17.60 12.70 -9.22
N GLN B 80 17.44 11.77 -10.16
CA GLN B 80 17.08 12.07 -11.54
C GLN B 80 15.58 12.06 -11.82
N GLY B 81 14.78 11.84 -10.78
CA GLY B 81 13.32 11.91 -10.91
C GLY B 81 12.63 10.57 -11.08
N THR B 82 11.49 10.60 -11.77
CA THR B 82 10.59 9.46 -11.87
C THR B 82 10.41 9.00 -13.32
N LEU B 83 9.79 7.83 -13.48
CA LEU B 83 9.32 7.38 -14.78
C LEU B 83 7.81 7.61 -14.93
N GLY B 84 7.20 8.31 -13.98
CA GLY B 84 5.76 8.50 -13.99
C GLY B 84 4.94 7.28 -13.55
N ILE B 85 5.63 6.22 -13.10
CA ILE B 85 4.94 4.95 -12.78
C ILE B 85 4.01 5.04 -11.53
N GLY B 86 4.52 5.64 -10.46
CA GLY B 86 3.70 5.84 -9.25
C GLY B 86 2.38 6.52 -9.55
N LEU B 87 2.45 7.61 -10.32
CA LEU B 87 1.28 8.37 -10.72
C LEU B 87 0.32 7.55 -11.60
N GLU B 88 0.86 6.88 -12.62
CA GLU B 88 0.06 6.06 -13.52
C GLU B 88 -0.68 4.97 -12.72
N GLU B 89 0.02 4.42 -11.74
CA GLU B 89 -0.51 3.38 -10.87
C GLU B 89 -1.69 3.84 -9.99
N ILE B 90 -1.71 5.11 -9.61
CA ILE B 90 -2.85 5.67 -8.90
C ILE B 90 -4.08 5.61 -9.82
N GLN B 91 -3.88 6.05 -11.08
CA GLN B 91 -4.92 5.97 -12.11
C GLN B 91 -5.40 4.53 -12.37
N ASN B 92 -4.47 3.59 -12.37
CA ASN B 92 -4.79 2.15 -12.49
C ASN B 92 -5.67 1.60 -11.35
N SER B 93 -5.44 2.08 -10.12
CA SER B 93 -6.28 1.67 -8.99
C SER B 93 -7.70 2.23 -9.14
N VAL B 94 -7.81 3.47 -9.67
CA VAL B 94 -9.11 4.07 -9.99
C VAL B 94 -9.85 3.21 -11.01
N GLU B 95 -9.19 2.89 -12.12
CA GLU B 95 -9.79 2.08 -13.18
C GLU B 95 -10.21 0.71 -12.67
N LYS B 96 -9.42 0.15 -11.76
CA LYS B 96 -9.76 -1.12 -11.11
C LYS B 96 -11.01 -0.94 -10.24
N ALA B 97 -11.04 0.11 -9.41
CA ALA B 97 -12.15 0.30 -8.49
C ALA B 97 -13.48 0.50 -9.24
N VAL B 98 -13.45 1.34 -10.28
CA VAL B 98 -14.66 1.73 -10.99
C VAL B 98 -15.01 0.72 -12.09
N GLY B 99 -14.16 -0.30 -12.22
CA GLY B 99 -14.40 -1.40 -13.13
C GLY B 99 -14.27 -1.09 -14.61
N GLN B 100 -13.33 -0.20 -14.93
CA GLN B 100 -13.03 0.22 -16.32
C GLN B 100 -11.86 -0.55 -16.95
N ASN B 101 -11.32 -1.52 -16.21
CA ASN B 101 -10.12 -2.32 -16.59
C ASN B 101 -8.81 -1.85 -15.97
N NO3 C . 10.66 12.90 -14.77
O1 NO3 C . 10.87 12.85 -13.37
O2 NO3 C . 11.72 13.29 -15.62
O3 NO3 C . 9.41 12.56 -15.33
#